data_5AF2
#
_entry.id   5AF2
#
_cell.length_a   61.290
_cell.length_b   74.960
_cell.length_c   63.220
_cell.angle_alpha   90.00
_cell.angle_beta   112.80
_cell.angle_gamma   90.00
#
_symmetry.space_group_name_H-M   'P 1 21 1'
#
loop_
_entity.id
_entity.type
_entity.pdbx_description
1 polymer VP3
2 non-polymer 'POLYETHYLENE GLYCOL (N=34)'
3 non-polymer 'POTASSIUM ION'
4 water water
#
_entity_poly.entity_id   1
_entity_poly.type   'polypeptide(L)'
_entity_poly.pdbx_seq_one_letter_code
;SNADPNYFIGIQFRNIPYKYDVKIPHLTFGVLHISDNMVPDVIDILKIMKNELFKMDITTSYTYMLSDGIYVANVSGVLS
TYFKIYNVFYKNQITFGQSRMFIPHITLSFNNMRTVRIETTKLQIKSIYLRKIKGDTVFDMVE
;
_entity_poly.pdbx_strand_id   A,B,C,D
#
loop_
_chem_comp.id
_chem_comp.type
_chem_comp.name
_chem_comp.formula
15P non-polymer 'POLYETHYLENE GLYCOL (N=34)' 'C69 H140 O35'
K non-polymer 'POTASSIUM ION' 'K 1'
#
# COMPACT_ATOMS: atom_id res chain seq x y z
N ALA A 3 29.40 -0.15 6.32
CA ALA A 3 29.03 0.44 5.05
C ALA A 3 28.42 -0.61 4.12
N ASP A 4 27.71 -1.57 4.71
CA ASP A 4 27.06 -2.61 3.91
C ASP A 4 25.83 -2.06 3.21
N PRO A 5 25.49 -2.61 2.04
CA PRO A 5 24.23 -2.20 1.38
C PRO A 5 23.09 -2.30 2.37
N ASN A 6 22.22 -1.31 2.43
CA ASN A 6 21.10 -1.33 3.37
C ASN A 6 19.76 -0.89 2.82
N TYR A 7 19.73 -0.46 1.55
CA TYR A 7 18.47 -0.12 0.89
C TYR A 7 18.46 -0.64 -0.52
N PHE A 8 17.28 -0.97 -1.04
CA PHE A 8 17.11 -1.33 -2.44
CA PHE A 8 17.16 -1.28 -2.45
C PHE A 8 16.06 -0.47 -3.13
N ILE A 9 16.23 -0.29 -4.44
CA ILE A 9 15.21 0.23 -5.31
C ILE A 9 14.66 -0.99 -6.02
N GLY A 10 13.40 -1.30 -5.75
CA GLY A 10 12.74 -2.46 -6.33
C GLY A 10 11.67 -2.06 -7.31
N ILE A 11 11.36 -2.99 -8.21
CA ILE A 11 10.26 -2.85 -9.13
C ILE A 11 9.40 -4.08 -9.03
N GLN A 12 8.10 -3.87 -8.84
CA GLN A 12 7.11 -4.94 -8.89
C GLN A 12 6.28 -4.79 -10.15
N PHE A 13 5.65 -5.89 -10.58
CA PHE A 13 5.05 -5.97 -11.90
C PHE A 13 3.58 -6.38 -11.85
N ARG A 14 2.86 -6.01 -12.91
CA ARG A 14 1.44 -6.34 -13.03
C ARG A 14 1.28 -7.78 -13.48
N ASN A 15 2.31 -8.30 -14.14
CA ASN A 15 2.25 -9.61 -14.73
C ASN A 15 3.59 -10.31 -14.55
N ILE A 16 3.53 -11.60 -14.24
CA ILE A 16 4.70 -12.45 -14.23
C ILE A 16 4.31 -13.72 -14.99
N PRO A 17 4.97 -13.98 -16.14
CA PRO A 17 4.54 -15.07 -17.02
C PRO A 17 5.16 -16.42 -16.67
N TYR A 18 5.51 -16.62 -15.40
CA TYR A 18 6.08 -17.87 -14.91
C TYR A 18 5.45 -18.28 -13.60
N LYS A 19 5.50 -19.57 -13.29
CA LYS A 19 5.15 -20.04 -11.95
C LYS A 19 6.25 -19.60 -10.99
N TYR A 20 5.87 -19.30 -9.75
CA TYR A 20 6.84 -18.86 -8.76
C TYR A 20 6.36 -19.20 -7.35
N ASP A 21 7.33 -19.27 -6.44
CA ASP A 21 7.05 -19.61 -5.04
C ASP A 21 7.27 -18.46 -4.07
N VAL A 22 8.04 -17.45 -4.48
CA VAL A 22 8.22 -16.28 -3.63
C VAL A 22 6.89 -15.55 -3.51
N LYS A 23 6.76 -14.68 -2.50
CA LYS A 23 5.47 -14.07 -2.22
C LYS A 23 5.12 -13.06 -3.31
N ILE A 24 6.04 -12.14 -3.57
CA ILE A 24 5.86 -11.15 -4.62
C ILE A 24 7.16 -11.01 -5.42
N PRO A 25 7.15 -11.48 -6.66
CA PRO A 25 8.36 -11.34 -7.48
C PRO A 25 8.72 -9.87 -7.68
N HIS A 26 10.02 -9.56 -7.64
CA HIS A 26 10.48 -8.21 -7.85
C HIS A 26 11.83 -8.22 -8.56
N LEU A 27 12.12 -7.11 -9.22
CA LEU A 27 13.47 -6.82 -9.70
C LEU A 27 14.13 -5.91 -8.71
N THR A 28 15.27 -6.32 -8.16
CA THR A 28 16.13 -5.40 -7.45
C THR A 28 16.90 -4.61 -8.50
N PHE A 29 16.43 -3.38 -8.76
CA PHE A 29 16.99 -2.54 -9.82
C PHE A 29 18.29 -1.90 -9.37
N GLY A 30 18.33 -1.49 -8.11
CA GLY A 30 19.49 -0.79 -7.59
C GLY A 30 19.66 -1.05 -6.11
N VAL A 31 20.89 -0.95 -5.64
CA VAL A 31 21.24 -1.17 -4.26
C VAL A 31 22.00 0.04 -3.76
N LEU A 32 21.70 0.45 -2.52
CA LEU A 32 22.26 1.65 -1.93
C LEU A 32 22.82 1.36 -0.55
N HIS A 33 23.85 2.12 -0.20
CA HIS A 33 24.22 2.31 1.19
C HIS A 33 24.02 3.77 1.57
N ILE A 34 23.06 4.01 2.45
CA ILE A 34 22.73 5.37 2.86
C ILE A 34 22.39 5.44 4.35
N SER A 35 22.41 6.66 4.88
CA SER A 35 21.80 6.94 6.18
C SER A 35 20.32 7.17 5.98
N ASP A 36 19.51 6.88 6.99
CA ASP A 36 18.07 7.03 6.86
C ASP A 36 17.69 8.48 6.51
N ASN A 37 18.45 9.45 7.00
CA ASN A 37 18.11 10.84 6.73
C ASN A 37 18.43 11.27 5.31
N MET A 38 18.97 10.35 4.51
CA MET A 38 19.23 10.60 3.10
C MET A 38 18.07 10.13 2.22
N VAL A 39 17.08 9.47 2.84
CA VAL A 39 15.94 8.96 2.10
C VAL A 39 15.24 10.07 1.29
N PRO A 40 15.03 11.25 1.89
CA PRO A 40 14.39 12.30 1.10
C PRO A 40 15.16 12.66 -0.16
N ASP A 41 16.49 12.69 -0.09
CA ASP A 41 17.32 12.99 -1.25
C ASP A 41 17.22 11.90 -2.31
N VAL A 42 17.17 10.64 -1.88
CA VAL A 42 17.01 9.52 -2.79
C VAL A 42 15.65 9.58 -3.47
N ILE A 43 14.61 9.87 -2.68
CA ILE A 43 13.27 10.04 -3.22
C ILE A 43 13.23 11.15 -4.27
N ASP A 44 13.90 12.27 -3.98
CA ASP A 44 13.96 13.38 -4.91
C ASP A 44 14.54 12.95 -6.25
N ILE A 45 15.58 12.12 -6.21
CA ILE A 45 16.20 11.64 -7.43
C ILE A 45 15.25 10.67 -8.15
N LEU A 46 14.59 9.79 -7.40
CA LEU A 46 13.61 8.90 -7.99
C LEU A 46 12.48 9.67 -8.67
N LYS A 47 12.05 10.77 -8.06
CA LYS A 47 10.99 11.59 -8.65
C LYS A 47 11.49 12.30 -9.91
N ILE A 48 12.72 12.81 -9.87
CA ILE A 48 13.30 13.47 -11.04
C ILE A 48 13.37 12.46 -12.19
N MET A 49 13.72 11.22 -11.86
CA MET A 49 13.92 10.18 -12.87
CA MET A 49 13.91 10.19 -12.87
C MET A 49 12.66 9.34 -13.10
N LYS A 50 11.54 9.78 -12.55
CA LYS A 50 10.31 8.98 -12.63
C LYS A 50 9.87 8.65 -14.06
N ASN A 51 9.80 9.65 -14.93
CA ASN A 51 9.40 9.41 -16.32
CA ASN A 51 9.37 9.38 -16.30
C ASN A 51 10.32 8.42 -17.00
N GLU A 52 11.61 8.62 -16.80
CA GLU A 52 12.60 7.76 -17.42
C GLU A 52 12.46 6.33 -16.94
N LEU A 53 12.26 6.15 -15.64
CA LEU A 53 12.12 4.82 -15.06
C LEU A 53 10.88 4.11 -15.62
N PHE A 54 9.76 4.82 -15.68
CA PHE A 54 8.52 4.19 -16.12
C PHE A 54 8.47 4.02 -17.63
N LYS A 55 9.40 4.64 -18.34
CA LYS A 55 9.52 4.47 -19.79
C LYS A 55 10.28 3.19 -20.13
N MET A 56 10.93 2.57 -19.14
CA MET A 56 11.71 1.39 -19.42
C MET A 56 10.81 0.29 -19.98
N ASP A 57 11.30 -0.38 -21.02
CA ASP A 57 10.58 -1.53 -21.58
C ASP A 57 11.27 -2.78 -21.08
N ILE A 58 10.75 -3.25 -19.95
CA ILE A 58 11.29 -4.40 -19.26
C ILE A 58 10.67 -5.64 -19.86
N THR A 59 11.51 -6.59 -20.28
CA THR A 59 11.04 -7.84 -20.83
C THR A 59 11.74 -9.01 -20.17
N THR A 60 11.15 -10.19 -20.38
CA THR A 60 11.70 -11.46 -19.93
C THR A 60 11.42 -12.53 -20.98
N SER A 61 12.26 -13.55 -21.05
CA SER A 61 12.10 -14.60 -22.05
C SER A 61 12.52 -15.99 -21.57
N TYR A 62 13.26 -16.09 -20.47
CA TYR A 62 13.60 -17.40 -19.95
C TYR A 62 13.94 -17.35 -18.48
N THR A 63 13.87 -18.52 -17.86
CA THR A 63 14.28 -18.71 -16.48
C THR A 63 15.55 -19.54 -16.44
N TYR A 64 16.26 -19.46 -15.33
CA TYR A 64 17.53 -20.16 -15.18
C TYR A 64 17.95 -20.19 -13.73
N MET A 65 18.93 -21.03 -13.41
CA MET A 65 19.57 -21.05 -12.11
C MET A 65 20.72 -20.06 -12.06
N LEU A 66 20.61 -19.10 -11.16
CA LEU A 66 21.63 -18.07 -11.00
C LEU A 66 22.72 -18.52 -10.04
N SER A 67 22.33 -19.30 -9.05
CA SER A 67 23.28 -19.90 -8.12
C SER A 67 22.63 -21.17 -7.62
N ASP A 68 23.32 -21.90 -6.75
CA ASP A 68 22.75 -23.11 -6.20
C ASP A 68 21.44 -22.74 -5.51
N GLY A 69 20.35 -23.38 -5.91
CA GLY A 69 19.06 -23.15 -5.29
C GLY A 69 18.41 -21.79 -5.47
N ILE A 70 18.84 -21.02 -6.46
CA ILE A 70 18.23 -19.73 -6.77
C ILE A 70 17.77 -19.75 -8.23
N TYR A 71 16.46 -19.88 -8.42
CA TYR A 71 15.84 -19.99 -9.74
C TYR A 71 15.20 -18.65 -10.07
N VAL A 72 15.55 -18.08 -11.22
CA VAL A 72 15.19 -16.71 -11.56
C VAL A 72 14.71 -16.58 -12.99
N ALA A 73 14.03 -15.46 -13.26
CA ALA A 73 13.70 -15.02 -14.61
C ALA A 73 14.70 -13.98 -15.07
N ASN A 74 15.10 -14.04 -16.33
CA ASN A 74 15.94 -12.99 -16.87
C ASN A 74 15.15 -11.69 -17.01
N VAL A 75 15.88 -10.58 -16.98
CA VAL A 75 15.31 -9.27 -17.24
C VAL A 75 16.17 -8.53 -18.25
N SER A 76 15.53 -7.95 -19.26
CA SER A 76 16.21 -7.09 -20.22
C SER A 76 15.50 -5.75 -20.22
N GLY A 77 16.21 -4.72 -20.67
CA GLY A 77 15.63 -3.41 -20.87
C GLY A 77 16.00 -2.32 -19.87
N VAL A 78 16.84 -2.63 -18.89
CA VAL A 78 17.14 -1.67 -17.83
C VAL A 78 18.55 -1.07 -17.86
N LEU A 79 19.39 -1.51 -18.80
CA LEU A 79 20.79 -1.08 -18.90
C LEU A 79 20.99 0.43 -18.96
N SER A 80 20.40 1.09 -19.95
CA SER A 80 20.70 2.51 -20.15
C SER A 80 20.18 3.35 -19.00
N THR A 81 19.03 2.99 -18.46
CA THR A 81 18.49 3.71 -17.33
C THR A 81 19.32 3.44 -16.07
N TYR A 82 19.80 2.21 -15.91
CA TYR A 82 20.70 1.91 -14.80
C TYR A 82 21.94 2.81 -14.87
N PHE A 83 22.53 2.95 -16.06
CA PHE A 83 23.70 3.82 -16.19
C PHE A 83 23.39 5.24 -15.71
N LYS A 84 22.25 5.77 -16.12
CA LYS A 84 21.88 7.14 -15.76
C LYS A 84 21.72 7.30 -14.26
N ILE A 85 20.99 6.39 -13.61
CA ILE A 85 20.76 6.53 -12.19
C ILE A 85 22.06 6.26 -11.41
N TYR A 86 22.83 5.29 -11.87
CA TYR A 86 24.15 5.05 -11.30
C TYR A 86 24.98 6.34 -11.30
N ASN A 87 24.97 7.04 -12.43
CA ASN A 87 25.77 8.23 -12.56
C ASN A 87 25.24 9.40 -11.73
N VAL A 88 23.93 9.55 -11.66
CA VAL A 88 23.34 10.59 -10.83
C VAL A 88 23.70 10.36 -9.35
N PHE A 89 23.54 9.15 -8.87
CA PHE A 89 23.87 8.89 -7.46
C PHE A 89 25.37 9.11 -7.22
N TYR A 90 26.21 8.63 -8.13
CA TYR A 90 27.66 8.77 -7.98
C TYR A 90 28.04 10.25 -7.87
N LYS A 91 27.51 11.07 -8.76
CA LYS A 91 27.80 12.50 -8.74
C LYS A 91 27.33 13.13 -7.44
N ASN A 92 26.19 12.69 -6.95
CA ASN A 92 25.62 13.22 -5.72
C ASN A 92 26.23 12.59 -4.47
N GLN A 93 27.27 11.78 -4.65
CA GLN A 93 27.99 11.18 -3.52
C GLN A 93 27.06 10.33 -2.63
N ILE A 94 26.14 9.63 -3.30
CA ILE A 94 25.25 8.64 -2.68
C ILE A 94 25.72 7.28 -3.18
N THR A 95 26.09 6.40 -2.26
CA THR A 95 26.64 5.08 -2.59
C THR A 95 25.59 4.18 -3.21
N PHE A 96 25.83 3.79 -4.46
CA PHE A 96 24.88 3.02 -5.25
C PHE A 96 25.65 2.07 -6.16
N GLY A 97 25.25 0.80 -6.17
CA GLY A 97 25.80 -0.17 -7.10
C GLY A 97 27.30 -0.38 -6.96
N GLN A 98 27.83 -0.19 -5.76
CA GLN A 98 29.26 -0.38 -5.54
C GLN A 98 29.61 -1.83 -5.19
N SER A 99 28.61 -2.63 -4.85
CA SER A 99 28.84 -4.02 -4.47
C SER A 99 27.99 -5.02 -5.25
N ARG A 100 26.93 -4.55 -5.86
CA ARG A 100 25.97 -5.44 -6.50
C ARG A 100 26.31 -5.66 -7.97
N MET A 101 26.46 -6.91 -8.38
CA MET A 101 26.67 -7.20 -9.79
C MET A 101 25.43 -6.82 -10.59
N PHE A 102 25.67 -6.23 -11.76
CA PHE A 102 24.58 -5.91 -12.68
C PHE A 102 24.25 -7.15 -13.51
N ILE A 103 23.21 -7.86 -13.12
CA ILE A 103 22.75 -9.05 -13.82
C ILE A 103 21.26 -9.14 -13.56
N PRO A 104 20.49 -8.25 -14.21
CA PRO A 104 19.08 -8.09 -13.84
C PRO A 104 18.31 -9.40 -13.91
N HIS A 105 17.60 -9.71 -12.82
CA HIS A 105 16.83 -10.93 -12.72
C HIS A 105 15.71 -10.76 -11.72
N ILE A 106 14.74 -11.66 -11.80
CA ILE A 106 13.65 -11.71 -10.85
C ILE A 106 13.66 -13.12 -10.24
N THR A 107 13.95 -13.21 -8.95
CA THR A 107 13.93 -14.52 -8.32
C THR A 107 12.50 -15.06 -8.23
N LEU A 108 12.34 -16.32 -8.62
CA LEU A 108 11.04 -16.96 -8.64
C LEU A 108 10.88 -18.02 -7.56
N SER A 109 11.91 -18.82 -7.32
CA SER A 109 11.83 -19.93 -6.38
CA SER A 109 11.83 -19.92 -6.37
C SER A 109 13.20 -20.23 -5.82
N PHE A 110 13.23 -20.78 -4.61
CA PHE A 110 14.45 -21.27 -3.98
C PHE A 110 14.44 -22.78 -4.10
N ASN A 111 14.81 -23.23 -5.29
CA ASN A 111 14.71 -24.62 -5.67
C ASN A 111 15.52 -24.84 -6.93
N ASN A 112 15.97 -26.07 -7.12
CA ASN A 112 16.70 -26.45 -8.31
C ASN A 112 15.72 -26.88 -9.40
N MET A 113 15.62 -26.08 -10.46
CA MET A 113 14.57 -26.23 -11.46
C MET A 113 15.10 -25.99 -12.86
N ARG A 114 14.47 -26.60 -13.85
CA ARG A 114 14.93 -26.46 -15.23
C ARG A 114 14.43 -25.17 -15.88
N THR A 115 15.21 -24.71 -16.85
CA THR A 115 14.90 -23.54 -17.64
C THR A 115 13.59 -23.69 -18.38
N VAL A 116 12.80 -22.64 -18.32
CA VAL A 116 11.58 -22.49 -19.11
C VAL A 116 11.81 -21.32 -20.08
N ARG A 117 11.41 -21.51 -21.33
CA ARG A 117 11.49 -20.46 -22.33
C ARG A 117 10.11 -20.04 -22.81
N ILE A 118 9.91 -18.74 -22.95
CA ILE A 118 8.67 -18.19 -23.46
C ILE A 118 8.96 -17.16 -24.55
N GLU A 119 7.93 -16.78 -25.31
CA GLU A 119 8.09 -15.66 -26.22
C GLU A 119 8.38 -14.42 -25.39
N THR A 120 9.20 -13.51 -25.93
CA THR A 120 9.54 -12.30 -25.21
C THR A 120 8.28 -11.62 -24.71
N THR A 121 8.26 -11.34 -23.41
CA THR A 121 7.07 -10.84 -22.76
C THR A 121 7.41 -9.58 -21.99
N LYS A 122 6.63 -8.52 -22.24
CA LYS A 122 6.82 -7.28 -21.53
C LYS A 122 6.26 -7.41 -20.12
N LEU A 123 7.05 -6.95 -19.16
CA LEU A 123 6.63 -6.90 -17.77
C LEU A 123 6.18 -5.49 -17.46
N GLN A 124 4.88 -5.32 -17.32
CA GLN A 124 4.33 -4.01 -17.02
C GLN A 124 4.65 -3.66 -15.58
N ILE A 125 5.23 -2.48 -15.40
CA ILE A 125 5.57 -2.01 -14.07
C ILE A 125 4.31 -1.68 -13.28
N LYS A 126 4.24 -2.23 -12.07
CA LYS A 126 3.15 -1.93 -11.16
C LYS A 126 3.55 -0.75 -10.28
N SER A 127 4.70 -0.85 -9.63
CA SER A 127 5.25 0.26 -8.87
C SER A 127 6.76 0.15 -8.73
N ILE A 128 7.37 1.27 -8.37
CA ILE A 128 8.79 1.35 -8.10
C ILE A 128 8.93 1.89 -6.69
N TYR A 129 9.76 1.25 -5.87
CA TYR A 129 9.81 1.57 -4.46
C TYR A 129 11.22 1.56 -3.90
N LEU A 130 11.38 2.24 -2.78
CA LEU A 130 12.61 2.28 -2.03
C LEU A 130 12.35 1.60 -0.70
N ARG A 131 13.17 0.63 -0.35
CA ARG A 131 12.92 -0.20 0.81
C ARG A 131 14.20 -0.49 1.56
N LYS A 132 14.12 -0.49 2.89
CA LYS A 132 15.20 -0.94 3.72
C LYS A 132 15.38 -2.43 3.51
N ILE A 133 16.62 -2.88 3.32
CA ILE A 133 16.87 -4.32 3.21
C ILE A 133 16.48 -4.97 4.53
N LYS A 134 15.62 -5.98 4.44
CA LYS A 134 15.09 -6.66 5.63
C LYS A 134 14.32 -5.68 6.52
N GLY A 135 13.74 -4.67 5.89
CA GLY A 135 12.96 -3.65 6.58
C GLY A 135 11.75 -3.22 5.78
N ASP A 136 11.23 -2.04 6.11
CA ASP A 136 10.00 -1.55 5.49
C ASP A 136 10.27 -0.75 4.22
N THR A 137 9.26 -0.70 3.36
CA THR A 137 9.23 0.21 2.23
C THR A 137 8.97 1.63 2.74
N VAL A 138 9.81 2.58 2.33
CA VAL A 138 9.72 3.97 2.78
C VAL A 138 9.20 4.91 1.70
N PHE A 139 9.15 4.43 0.46
CA PHE A 139 8.62 5.21 -0.64
C PHE A 139 8.17 4.28 -1.75
N ASP A 140 7.03 4.59 -2.34
CA ASP A 140 6.49 3.82 -3.44
C ASP A 140 5.85 4.78 -4.41
N MET A 141 6.09 4.58 -5.70
CA MET A 141 5.48 5.41 -6.71
C MET A 141 4.91 4.60 -7.84
N VAL A 142 3.79 5.09 -8.36
CA VAL A 142 3.11 4.47 -9.48
C VAL A 142 3.06 5.49 -10.60
N GLU A 143 2.78 5.00 -11.80
CA GLU A 143 2.73 5.85 -12.97
C GLU A 143 1.45 6.68 -12.98
N ALA B 3 11.93 17.56 18.15
CA ALA B 3 11.63 18.92 18.60
C ALA B 3 10.22 19.01 19.17
N ASP B 4 9.22 18.72 18.33
CA ASP B 4 7.81 18.81 18.70
C ASP B 4 7.16 17.45 18.50
N PRO B 5 5.89 17.27 18.94
CA PRO B 5 5.23 16.01 18.59
C PRO B 5 5.36 15.74 17.09
N ASN B 6 5.64 14.50 16.70
CA ASN B 6 6.00 14.20 15.32
C ASN B 6 5.29 12.99 14.68
N TYR B 7 4.49 12.27 15.47
CA TYR B 7 3.70 11.16 14.95
C TYR B 7 2.32 11.20 15.56
N PHE B 8 1.33 10.65 14.86
CA PHE B 8 0.03 10.47 15.46
C PHE B 8 -0.60 9.16 15.07
N ILE B 9 -1.54 8.75 15.91
CA ILE B 9 -2.34 7.57 15.69
C ILE B 9 -3.69 8.10 15.23
N GLY B 10 -4.05 7.76 14.00
CA GLY B 10 -5.29 8.21 13.41
C GLY B 10 -6.26 7.06 13.20
N ILE B 11 -7.54 7.39 13.19
CA ILE B 11 -8.59 6.44 12.89
C ILE B 11 -9.48 7.03 11.81
N GLN B 12 -9.69 6.26 10.75
CA GLN B 12 -10.60 6.62 9.68
C GLN B 12 -11.80 5.70 9.73
N PHE B 13 -12.93 6.18 9.21
CA PHE B 13 -14.22 5.52 9.36
C PHE B 13 -14.85 5.18 8.01
N ARG B 14 -15.79 4.25 8.03
CA ARG B 14 -16.43 3.82 6.78
C ARG B 14 -17.44 4.85 6.29
N ASN B 15 -18.17 5.47 7.21
CA ASN B 15 -19.13 6.52 6.89
C ASN B 15 -19.08 7.63 7.93
N ILE B 16 -19.11 8.87 7.45
CA ILE B 16 -19.27 10.05 8.30
C ILE B 16 -20.70 10.55 8.08
N PRO B 17 -21.51 10.68 9.15
CA PRO B 17 -22.91 11.02 8.93
C PRO B 17 -23.18 12.49 8.58
N TYR B 18 -22.13 13.29 8.51
CA TYR B 18 -22.21 14.68 8.14
C TYR B 18 -21.39 14.90 6.89
N LYS B 19 -21.79 15.86 6.07
CA LYS B 19 -20.95 16.27 4.94
C LYS B 19 -19.63 16.81 5.46
N TYR B 20 -18.56 16.55 4.72
CA TYR B 20 -17.25 17.11 5.07
C TYR B 20 -16.54 17.67 3.85
N ASP B 21 -15.66 18.63 4.12
CA ASP B 21 -14.91 19.33 3.08
C ASP B 21 -13.43 19.01 3.14
N VAL B 22 -12.98 18.42 4.26
CA VAL B 22 -11.58 18.08 4.43
C VAL B 22 -11.23 16.89 3.53
N LYS B 23 -9.95 16.76 3.21
CA LYS B 23 -9.48 15.71 2.32
C LYS B 23 -9.58 14.34 2.98
N ILE B 24 -9.13 14.26 4.23
CA ILE B 24 -9.09 12.99 4.96
C ILE B 24 -9.77 13.12 6.32
N PRO B 25 -11.07 12.89 6.38
CA PRO B 25 -11.72 12.99 7.69
C PRO B 25 -11.20 11.89 8.60
N HIS B 26 -10.82 12.26 9.83
CA HIS B 26 -10.23 11.31 10.75
C HIS B 26 -10.35 11.78 12.17
N LEU B 27 -10.24 10.83 13.09
CA LEU B 27 -10.03 11.12 14.50
C LEU B 27 -8.54 11.00 14.77
N THR B 28 -7.94 12.04 15.32
CA THR B 28 -6.59 11.95 15.86
C THR B 28 -6.75 11.37 17.26
N PHE B 29 -6.48 10.08 17.39
CA PHE B 29 -6.70 9.37 18.64
C PHE B 29 -5.61 9.71 19.64
N GLY B 30 -4.39 9.83 19.15
CA GLY B 30 -3.27 10.10 20.02
C GLY B 30 -2.11 10.70 19.28
N VAL B 31 -1.26 11.41 20.02
CA VAL B 31 -0.10 12.05 19.44
C VAL B 31 1.15 11.64 20.23
N LEU B 32 2.27 11.49 19.51
CA LEU B 32 3.52 11.00 20.05
C LEU B 32 4.67 11.91 19.73
N HIS B 33 5.69 11.89 20.59
CA HIS B 33 6.97 12.47 20.26
C HIS B 33 8.01 11.40 20.47
N ILE B 34 8.54 10.88 19.36
CA ILE B 34 9.45 9.75 19.38
C ILE B 34 10.60 9.99 18.40
N SER B 35 11.68 9.26 18.61
CA SER B 35 12.73 9.20 17.60
C SER B 35 12.38 8.06 16.64
N ASP B 36 12.89 8.11 15.42
CA ASP B 36 12.45 7.19 14.39
C ASP B 36 12.77 5.73 14.71
N ASN B 37 13.83 5.49 15.48
CA ASN B 37 14.19 4.12 15.85
C ASN B 37 13.13 3.48 16.73
N MET B 38 12.24 4.29 17.31
CA MET B 38 11.22 3.80 18.22
C MET B 38 9.94 3.37 17.50
N VAL B 39 9.87 3.61 16.21
CA VAL B 39 8.66 3.29 15.46
C VAL B 39 8.27 1.80 15.59
N PRO B 40 9.24 0.88 15.46
CA PRO B 40 8.84 -0.53 15.62
C PRO B 40 8.22 -0.86 16.98
N ASP B 41 8.72 -0.25 18.05
CA ASP B 41 8.14 -0.44 19.38
C ASP B 41 6.71 0.10 19.45
N VAL B 42 6.45 1.22 18.78
CA VAL B 42 5.11 1.78 18.80
C VAL B 42 4.18 0.86 18.00
N ILE B 43 4.65 0.38 16.86
CA ILE B 43 3.86 -0.55 16.05
C ILE B 43 3.52 -1.83 16.82
N ASP B 44 4.50 -2.35 17.56
CA ASP B 44 4.25 -3.55 18.37
C ASP B 44 3.12 -3.32 19.37
N ILE B 45 3.10 -2.16 20.01
CA ILE B 45 2.06 -1.83 20.98
C ILE B 45 0.70 -1.72 20.27
N LEU B 46 0.66 -1.10 19.10
CA LEU B 46 -0.59 -0.99 18.35
C LEU B 46 -1.12 -2.38 17.98
N LYS B 47 -0.22 -3.28 17.62
CA LYS B 47 -0.63 -4.64 17.27
C LYS B 47 -1.18 -5.38 18.48
N ILE B 48 -0.52 -5.22 19.63
CA ILE B 48 -1.00 -5.83 20.85
C ILE B 48 -2.40 -5.33 21.18
N MET B 49 -2.60 -4.02 21.01
CA MET B 49 -3.85 -3.37 21.36
C MET B 49 -4.88 -3.37 20.24
N LYS B 50 -4.61 -4.09 19.17
CA LYS B 50 -5.47 -4.03 17.98
C LYS B 50 -6.91 -4.41 18.29
N ASN B 51 -7.10 -5.53 18.97
CA ASN B 51 -8.45 -5.97 19.23
C ASN B 51 -9.19 -4.97 20.10
N GLU B 52 -8.50 -4.45 21.11
CA GLU B 52 -9.12 -3.49 22.01
C GLU B 52 -9.53 -2.24 21.27
N LEU B 53 -8.65 -1.76 20.39
CA LEU B 53 -8.95 -0.58 19.59
C LEU B 53 -10.14 -0.80 18.67
N PHE B 54 -10.17 -1.95 17.98
CA PHE B 54 -11.27 -2.21 17.07
C PHE B 54 -12.59 -2.56 17.79
N LYS B 55 -12.52 -2.79 19.10
CA LYS B 55 -13.71 -3.04 19.91
C LYS B 55 -14.38 -1.76 20.40
N MET B 56 -13.72 -0.62 20.25
CA MET B 56 -14.29 0.63 20.73
C MET B 56 -15.62 0.88 20.06
N ASP B 57 -16.58 1.34 20.85
CA ASP B 57 -17.89 1.71 20.35
C ASP B 57 -17.90 3.22 20.16
N ILE B 58 -17.47 3.62 18.98
CA ILE B 58 -17.28 5.03 18.67
C ILE B 58 -18.57 5.59 18.09
N THR B 59 -19.01 6.72 18.64
CA THR B 59 -20.25 7.35 18.19
C THR B 59 -20.10 8.85 18.01
N THR B 60 -21.08 9.43 17.33
CA THR B 60 -21.16 10.88 17.16
C THR B 60 -22.64 11.28 17.19
N SER B 61 -22.91 12.51 17.61
CA SER B 61 -24.28 13.00 17.69
C SER B 61 -24.45 14.49 17.38
N TYR B 62 -23.37 15.26 17.35
CA TYR B 62 -23.52 16.68 17.02
C TYR B 62 -22.23 17.28 16.50
N THR B 63 -22.38 18.41 15.83
CA THR B 63 -21.26 19.18 15.32
C THR B 63 -21.19 20.52 16.04
N TYR B 64 -20.02 21.15 16.01
CA TYR B 64 -19.83 22.41 16.69
C TYR B 64 -18.54 23.06 16.23
N MET B 65 -18.39 24.35 16.54
CA MET B 65 -17.14 25.06 16.32
C MET B 65 -16.22 24.87 17.53
N LEU B 66 -15.06 24.27 17.30
CA LEU B 66 -14.09 24.00 18.35
C LEU B 66 -13.20 25.20 18.57
N SER B 67 -12.95 25.94 17.51
CA SER B 67 -12.20 27.18 17.58
C SER B 67 -12.61 28.00 16.38
N ASP B 68 -12.03 29.19 16.25
CA ASP B 68 -12.31 30.04 15.12
C ASP B 68 -12.04 29.23 13.83
N GLY B 69 -13.05 29.10 12.99
CA GLY B 69 -12.87 28.45 11.70
C GLY B 69 -12.52 26.97 11.72
N ILE B 70 -12.84 26.27 12.82
CA ILE B 70 -12.68 24.82 12.89
C ILE B 70 -14.02 24.18 13.28
N TYR B 71 -14.67 23.56 12.30
CA TYR B 71 -15.98 22.93 12.45
C TYR B 71 -15.79 21.43 12.55
N VAL B 72 -16.31 20.84 13.62
CA VAL B 72 -16.02 19.45 13.95
C VAL B 72 -17.25 18.67 14.38
N ALA B 73 -17.13 17.35 14.29
CA ALA B 73 -18.09 16.44 14.89
C ALA B 73 -17.56 15.91 16.21
N ASN B 74 -18.45 15.74 17.18
CA ASN B 74 -18.05 15.14 18.42
C ASN B 74 -17.77 13.66 18.23
N VAL B 75 -16.93 13.12 19.11
CA VAL B 75 -16.67 11.71 19.17
C VAL B 75 -16.76 11.23 20.60
N SER B 76 -17.48 10.13 20.79
CA SER B 76 -17.58 9.49 22.09
CA SER B 76 -17.63 9.49 22.09
C SER B 76 -17.18 8.04 21.97
N GLY B 77 -16.78 7.45 23.09
CA GLY B 77 -16.47 6.03 23.16
C GLY B 77 -14.99 5.66 23.22
N VAL B 78 -14.09 6.64 23.28
CA VAL B 78 -12.66 6.33 23.22
C VAL B 78 -11.92 6.54 24.54
N LEU B 79 -12.61 7.02 25.57
CA LEU B 79 -11.98 7.37 26.85
C LEU B 79 -11.20 6.23 27.50
N SER B 80 -11.87 5.11 27.78
CA SER B 80 -11.20 4.05 28.55
C SER B 80 -10.02 3.45 27.78
N THR B 81 -10.16 3.32 26.47
CA THR B 81 -9.07 2.80 25.64
C THR B 81 -7.92 3.81 25.56
N TYR B 82 -8.25 5.10 25.49
CA TYR B 82 -7.23 6.13 25.54
C TYR B 82 -6.42 6.02 26.84
N PHE B 83 -7.09 5.84 27.97
CA PHE B 83 -6.38 5.67 29.23
C PHE B 83 -5.39 4.49 29.14
N LYS B 84 -5.84 3.37 28.61
CA LYS B 84 -5.00 2.19 28.51
C LYS B 84 -3.76 2.45 27.66
N ILE B 85 -3.93 3.02 26.48
CA ILE B 85 -2.81 3.23 25.59
C ILE B 85 -1.87 4.30 26.17
N TYR B 86 -2.45 5.35 26.77
CA TYR B 86 -1.65 6.34 27.47
C TYR B 86 -0.74 5.67 28.49
N ASN B 87 -1.30 4.77 29.30
CA ASN B 87 -0.53 4.12 30.33
C ASN B 87 0.53 3.13 29.78
N VAL B 88 0.19 2.39 28.73
CA VAL B 88 1.16 1.50 28.11
C VAL B 88 2.34 2.30 27.55
N PHE B 89 2.08 3.39 26.84
CA PHE B 89 3.17 4.17 26.30
C PHE B 89 4.02 4.78 27.40
N TYR B 90 3.38 5.34 28.42
CA TYR B 90 4.11 5.94 29.52
C TYR B 90 5.07 4.93 30.17
N LYS B 91 4.56 3.75 30.48
CA LYS B 91 5.37 2.72 31.09
C LYS B 91 6.56 2.33 30.21
N ASN B 92 6.34 2.35 28.90
CA ASN B 92 7.36 1.98 27.93
C ASN B 92 8.27 3.15 27.51
N GLN B 93 8.20 4.26 28.24
CA GLN B 93 9.07 5.41 28.02
C GLN B 93 8.87 6.05 26.66
N ILE B 94 7.63 6.01 26.19
CA ILE B 94 7.25 6.61 24.92
C ILE B 94 6.36 7.81 25.22
N THR B 95 6.80 8.98 24.77
CA THR B 95 6.05 10.21 25.00
C THR B 95 4.77 10.24 24.17
N PHE B 96 3.64 10.30 24.87
CA PHE B 96 2.31 10.21 24.26
C PHE B 96 1.35 11.09 25.04
N GLY B 97 0.56 11.89 24.34
CA GLY B 97 -0.49 12.64 24.99
C GLY B 97 -0.01 13.68 25.98
N GLN B 98 1.19 14.20 25.79
CA GLN B 98 1.75 15.14 26.74
C GLN B 98 1.46 16.59 26.35
N SER B 99 1.03 16.83 25.11
CA SER B 99 0.77 18.19 24.63
C SER B 99 -0.66 18.40 24.11
N ARG B 100 -1.41 17.34 23.93
CA ARG B 100 -2.69 17.40 23.22
C ARG B 100 -3.84 17.28 24.19
N MET B 101 -4.78 18.22 24.13
CA MET B 101 -5.99 18.13 24.93
C MET B 101 -6.83 16.95 24.49
N PHE B 102 -7.37 16.21 25.46
CA PHE B 102 -8.27 15.12 25.16
C PHE B 102 -9.68 15.67 24.96
N ILE B 103 -10.07 15.84 23.70
CA ILE B 103 -11.39 16.32 23.36
C ILE B 103 -11.77 15.71 22.02
N PRO B 104 -12.10 14.41 22.03
CA PRO B 104 -12.20 13.70 20.75
C PRO B 104 -13.17 14.33 19.77
N HIS B 105 -12.70 14.53 18.54
CA HIS B 105 -13.50 15.16 17.51
C HIS B 105 -12.99 14.75 16.15
N ILE B 106 -13.83 14.95 15.14
CA ILE B 106 -13.45 14.78 13.74
C ILE B 106 -13.68 16.12 13.04
N THR B 107 -12.62 16.76 12.56
CA THR B 107 -12.78 18.01 11.85
C THR B 107 -13.47 17.73 10.52
N LEU B 108 -14.51 18.51 10.23
CA LEU B 108 -15.29 18.37 9.01
C LEU B 108 -15.01 19.47 7.99
N SER B 109 -14.76 20.69 8.44
CA SER B 109 -14.58 21.81 7.54
C SER B 109 -13.86 22.94 8.26
N PHE B 110 -13.11 23.73 7.50
CA PHE B 110 -12.47 24.92 8.03
C PHE B 110 -13.29 26.16 7.73
N ASN B 111 -14.49 26.19 8.28
CA ASN B 111 -15.45 27.26 8.02
C ASN B 111 -16.32 27.47 9.23
N ASN B 112 -16.92 28.65 9.31
CA ASN B 112 -17.89 28.98 10.34
C ASN B 112 -19.24 28.39 9.99
N MET B 113 -19.67 27.38 10.75
CA MET B 113 -20.92 26.68 10.48
C MET B 113 -21.69 26.38 11.75
N ARG B 114 -23.00 26.22 11.60
CA ARG B 114 -23.90 26.03 12.74
C ARG B 114 -23.94 24.58 13.17
N THR B 115 -24.16 24.37 14.46
CA THR B 115 -24.36 23.05 15.02
C THR B 115 -25.51 22.29 14.34
N VAL B 116 -25.23 21.04 14.02
CA VAL B 116 -26.22 20.07 13.59
C VAL B 116 -26.30 19.00 14.69
N ARG B 117 -27.50 18.53 14.99
CA ARG B 117 -27.69 17.44 15.95
C ARG B 117 -28.39 16.29 15.27
N ILE B 118 -27.87 15.08 15.48
CA ILE B 118 -28.49 13.87 14.98
C ILE B 118 -28.66 12.89 16.13
N GLU B 119 -29.38 11.80 15.89
CA GLU B 119 -29.43 10.73 16.86
C GLU B 119 -28.04 10.12 16.96
N THR B 120 -27.68 9.61 18.13
CA THR B 120 -26.39 8.96 18.32
C THR B 120 -26.17 7.93 17.22
N THR B 121 -25.04 8.05 16.53
CA THR B 121 -24.79 7.27 15.34
C THR B 121 -23.42 6.63 15.48
N LYS B 122 -23.34 5.32 15.24
CA LYS B 122 -22.08 4.61 15.39
C LYS B 122 -21.16 4.88 14.20
N LEU B 123 -19.88 5.09 14.50
CA LEU B 123 -18.85 5.25 13.49
C LEU B 123 -18.05 3.97 13.40
N GLN B 124 -18.14 3.32 12.25
CA GLN B 124 -17.46 2.06 12.02
C GLN B 124 -16.04 2.32 11.57
N ILE B 125 -15.09 1.73 12.28
CA ILE B 125 -13.68 1.92 11.96
C ILE B 125 -13.34 1.26 10.64
N LYS B 126 -12.67 2.01 9.77
CA LYS B 126 -12.14 1.53 8.50
C LYS B 126 -10.69 1.09 8.68
N SER B 127 -9.86 1.96 9.26
CA SER B 127 -8.51 1.56 9.59
C SER B 127 -7.94 2.46 10.69
N ILE B 128 -6.87 1.97 11.28
CA ILE B 128 -6.13 2.67 12.32
C ILE B 128 -4.68 2.69 11.88
N TYR B 129 -4.07 3.86 11.96
CA TYR B 129 -2.75 4.04 11.37
C TYR B 129 -1.85 4.92 12.22
N LEU B 130 -0.56 4.73 12.01
CA LEU B 130 0.50 5.51 12.61
C LEU B 130 1.12 6.33 11.49
N ARG B 131 1.13 7.64 11.64
CA ARG B 131 1.57 8.52 10.58
C ARG B 131 2.46 9.62 11.11
N LYS B 132 3.50 9.94 10.34
CA LYS B 132 4.32 11.10 10.63
C LYS B 132 3.47 12.35 10.47
N ILE B 133 3.54 13.27 11.41
CA ILE B 133 2.83 14.54 11.25
C ILE B 133 3.42 15.27 10.04
N LYS B 134 2.55 15.73 9.17
CA LYS B 134 2.96 16.37 7.91
C LYS B 134 3.81 15.43 7.07
N GLY B 135 3.63 14.12 7.24
CA GLY B 135 4.41 13.15 6.51
C GLY B 135 3.63 11.90 6.14
N ASP B 136 4.36 10.81 5.87
CA ASP B 136 3.75 9.57 5.40
C ASP B 136 3.22 8.68 6.52
N THR B 137 2.25 7.85 6.16
CA THR B 137 1.80 6.76 7.00
C THR B 137 2.86 5.67 7.00
N VAL B 138 3.24 5.20 8.18
CA VAL B 138 4.27 4.18 8.34
C VAL B 138 3.71 2.83 8.78
N PHE B 139 2.44 2.80 9.17
CA PHE B 139 1.78 1.56 9.57
C PHE B 139 0.28 1.76 9.52
N ASP B 140 -0.42 0.78 8.99
CA ASP B 140 -1.87 0.81 8.91
C ASP B 140 -2.40 -0.58 9.23
N MET B 141 -3.50 -0.65 9.96
CA MET B 141 -4.14 -1.94 10.21
C MET B 141 -5.64 -1.86 10.05
N VAL B 142 -6.19 -2.94 9.51
CA VAL B 142 -7.62 -3.08 9.29
C VAL B 142 -8.07 -4.24 10.17
N GLU B 143 -9.37 -4.35 10.42
CA GLU B 143 -9.83 -5.36 11.36
C GLU B 143 -9.65 -6.77 10.83
N ALA C 3 -1.12 -30.16 -2.58
CA ALA C 3 -1.71 -30.88 -1.46
C ALA C 3 -0.66 -31.16 -0.36
N ASP C 4 0.62 -31.15 -0.74
CA ASP C 4 1.71 -31.46 0.19
C ASP C 4 2.03 -30.28 1.11
N PRO C 5 2.69 -30.56 2.25
CA PRO C 5 3.07 -29.48 3.18
C PRO C 5 3.86 -28.37 2.51
N ASN C 6 3.62 -27.12 2.90
CA ASN C 6 4.14 -25.97 2.18
C ASN C 6 4.88 -24.91 3.00
N TYR C 7 4.90 -25.06 4.32
CA TYR C 7 5.65 -24.16 5.21
C TYR C 7 6.41 -24.97 6.23
N PHE C 8 7.45 -24.37 6.81
CA PHE C 8 8.13 -24.97 7.94
C PHE C 8 8.63 -23.91 8.92
N ILE C 9 8.85 -24.35 10.15
CA ILE C 9 9.46 -23.53 11.17
C ILE C 9 10.89 -24.02 11.33
N GLY C 10 11.85 -23.12 11.21
CA GLY C 10 13.25 -23.45 11.35
C GLY C 10 13.88 -22.73 12.52
N ILE C 11 14.94 -23.33 13.06
CA ILE C 11 15.77 -22.70 14.07
C ILE C 11 17.21 -22.78 13.60
N GLN C 12 17.90 -21.64 13.59
CA GLN C 12 19.32 -21.60 13.30
C GLN C 12 20.05 -21.19 14.55
N PHE C 13 21.32 -21.60 14.63
CA PHE C 13 22.12 -21.43 15.83
C PHE C 13 23.35 -20.59 15.56
N ARG C 14 23.92 -20.02 16.63
CA ARG C 14 25.09 -19.17 16.49
C ARG C 14 26.34 -19.95 16.13
N ASN C 15 26.44 -21.17 16.66
CA ASN C 15 27.59 -22.02 16.45
C ASN C 15 27.17 -23.48 16.42
N ILE C 16 27.78 -24.26 15.52
CA ILE C 16 27.61 -25.70 15.50
C ILE C 16 28.94 -26.32 15.88
N PRO C 17 28.98 -27.13 16.96
CA PRO C 17 30.28 -27.58 17.50
C PRO C 17 30.83 -28.83 16.83
N TYR C 18 30.62 -28.94 15.52
CA TYR C 18 31.08 -30.09 14.75
C TYR C 18 31.55 -29.64 13.38
N LYS C 19 32.35 -30.48 12.75
CA LYS C 19 32.63 -30.34 11.33
C LYS C 19 31.34 -30.68 10.55
N TYR C 20 31.05 -29.86 9.54
CA TYR C 20 29.88 -30.04 8.70
C TYR C 20 30.13 -29.33 7.39
N ASP C 21 29.32 -29.61 6.36
CA ASP C 21 29.49 -28.91 5.10
C ASP C 21 28.20 -28.41 4.47
N VAL C 22 27.06 -28.66 5.10
CA VAL C 22 25.81 -28.10 4.58
C VAL C 22 25.87 -26.57 4.65
N LYS C 23 25.18 -25.93 3.70
CA LYS C 23 25.27 -24.48 3.58
C LYS C 23 24.50 -23.76 4.68
N ILE C 24 23.30 -24.25 4.99
CA ILE C 24 22.43 -23.63 5.98
C ILE C 24 22.04 -24.64 7.05
N PRO C 25 22.94 -24.90 8.00
CA PRO C 25 22.58 -25.85 9.06
C PRO C 25 21.40 -25.30 9.87
N HIS C 26 20.43 -26.15 10.12
CA HIS C 26 19.25 -25.75 10.84
C HIS C 26 18.55 -26.95 11.43
N LEU C 27 17.72 -26.67 12.43
CA LEU C 27 16.75 -27.62 12.94
C LEU C 27 15.39 -27.30 12.32
N THR C 28 14.82 -28.27 11.63
CA THR C 28 13.45 -28.17 11.18
C THR C 28 12.60 -28.50 12.39
N PHE C 29 11.90 -27.51 12.92
CA PHE C 29 11.24 -27.68 14.21
C PHE C 29 9.80 -28.11 14.00
N GLY C 30 9.23 -27.73 12.87
CA GLY C 30 7.87 -28.12 12.51
C GLY C 30 7.59 -27.93 11.03
N VAL C 31 6.65 -28.71 10.50
CA VAL C 31 6.24 -28.63 9.10
C VAL C 31 4.73 -28.42 9.08
N LEU C 32 4.26 -27.57 8.18
CA LEU C 32 2.85 -27.17 8.14
C LEU C 32 2.25 -27.26 6.75
N HIS C 33 0.94 -27.45 6.70
CA HIS C 33 0.18 -27.38 5.47
C HIS C 33 -0.93 -26.38 5.69
N ILE C 34 -0.74 -25.18 5.16
CA ILE C 34 -1.64 -24.05 5.42
C ILE C 34 -1.90 -23.26 4.13
N SER C 35 -2.93 -22.42 4.17
CA SER C 35 -3.12 -21.45 3.10
C SER C 35 -2.39 -20.17 3.50
N ASP C 36 -2.03 -19.34 2.52
CA ASP C 36 -1.23 -18.16 2.82
C ASP C 36 -1.98 -17.20 3.75
N ASN C 37 -3.30 -17.22 3.70
CA ASN C 37 -4.10 -16.34 4.54
C ASN C 37 -3.96 -16.68 6.03
N MET C 38 -3.49 -17.89 6.30
CA MET C 38 -3.33 -18.37 7.68
C MET C 38 -1.97 -18.00 8.29
N VAL C 39 -1.08 -17.40 7.50
CA VAL C 39 0.26 -17.07 8.00
C VAL C 39 0.22 -16.18 9.27
N PRO C 40 -0.64 -15.14 9.29
CA PRO C 40 -0.70 -14.31 10.50
C PRO C 40 -1.10 -15.10 11.75
N ASP C 41 -1.97 -16.09 11.59
CA ASP C 41 -2.39 -16.93 12.71
C ASP C 41 -1.23 -17.77 13.23
N VAL C 42 -0.41 -18.28 12.32
CA VAL C 42 0.77 -19.07 12.71
C VAL C 42 1.79 -18.17 13.41
N ILE C 43 1.97 -16.97 12.87
CA ILE C 43 2.88 -16.00 13.48
C ILE C 43 2.43 -15.65 14.91
N ASP C 44 1.13 -15.43 15.11
CA ASP C 44 0.64 -15.10 16.45
C ASP C 44 0.96 -16.22 17.44
N ILE C 45 0.82 -17.47 17.01
CA ILE C 45 1.15 -18.62 17.86
C ILE C 45 2.65 -18.65 18.18
N LEU C 46 3.49 -18.37 17.19
CA LEU C 46 4.93 -18.29 17.43
C LEU C 46 5.27 -17.19 18.42
N LYS C 47 4.56 -16.07 18.36
CA LYS C 47 4.83 -14.96 19.26
C LYS C 47 4.46 -15.30 20.70
N ILE C 48 3.32 -15.97 20.88
CA ILE C 48 2.91 -16.42 22.21
C ILE C 48 3.90 -17.43 22.77
N MET C 49 4.41 -18.31 21.91
CA MET C 49 5.33 -19.35 22.32
C MET C 49 6.78 -18.90 22.39
N LYS C 50 7.03 -17.63 22.04
CA LYS C 50 8.40 -17.13 21.91
C LYS C 50 9.23 -17.34 23.18
N ASN C 51 8.68 -16.97 24.32
CA ASN C 51 9.41 -17.13 25.56
C ASN C 51 9.76 -18.59 25.83
N GLU C 52 8.80 -19.48 25.62
CA GLU C 52 9.03 -20.92 25.82
C GLU C 52 10.15 -21.41 24.87
N LEU C 53 10.11 -20.95 23.63
CA LEU C 53 11.08 -21.39 22.63
C LEU C 53 12.49 -20.94 22.98
N PHE C 54 12.65 -19.66 23.32
CA PHE C 54 13.99 -19.16 23.62
C PHE C 54 14.52 -19.59 24.98
N LYS C 55 13.65 -20.14 25.84
CA LYS C 55 14.11 -20.66 27.13
C LYS C 55 14.45 -22.15 27.06
N MET C 56 14.23 -22.78 25.90
CA MET C 56 14.58 -24.19 25.75
C MET C 56 16.06 -24.37 26.08
N ASP C 57 16.38 -25.39 26.87
CA ASP C 57 17.76 -25.73 27.15
C ASP C 57 18.24 -26.66 26.06
N ILE C 58 18.70 -26.07 24.95
CA ILE C 58 19.08 -26.84 23.77
C ILE C 58 20.54 -27.24 23.87
N THR C 59 20.80 -28.55 23.77
CA THR C 59 22.17 -29.04 23.77
C THR C 59 22.39 -30.07 22.69
N THR C 60 23.67 -30.35 22.43
CA THR C 60 24.07 -31.42 21.53
C THR C 60 25.30 -32.08 22.13
N SER C 61 25.44 -33.39 21.88
CA SER C 61 26.51 -34.18 22.46
C SER C 61 27.08 -35.20 21.48
N TYR C 62 26.35 -35.55 20.44
CA TYR C 62 26.86 -36.53 19.50
C TYR C 62 26.26 -36.37 18.11
N THR C 63 27.00 -36.86 17.12
CA THR C 63 26.49 -36.96 15.77
C THR C 63 26.21 -38.45 15.48
N TYR C 64 25.45 -38.69 14.42
CA TYR C 64 25.08 -40.04 14.05
C TYR C 64 24.48 -40.05 12.66
N MET C 65 24.36 -41.25 12.12
CA MET C 65 23.75 -41.45 10.82
C MET C 65 22.26 -41.74 11.02
N LEU C 66 21.42 -40.85 10.48
CA LEU C 66 19.97 -40.99 10.61
C LEU C 66 19.41 -41.94 9.54
N SER C 67 20.01 -41.90 8.35
CA SER C 67 19.64 -42.74 7.23
C SER C 67 20.87 -42.87 6.34
N ASP C 68 20.77 -43.64 5.27
CA ASP C 68 21.86 -43.74 4.31
C ASP C 68 22.26 -42.32 3.87
N GLY C 69 23.52 -41.97 4.03
CA GLY C 69 24.01 -40.68 3.56
C GLY C 69 23.44 -39.44 4.23
N ILE C 70 22.83 -39.57 5.41
CA ILE C 70 22.34 -38.41 6.17
C ILE C 70 22.99 -38.42 7.55
N TYR C 71 24.00 -37.57 7.70
CA TYR C 71 24.81 -37.44 8.90
C TYR C 71 24.32 -36.21 9.65
N VAL C 72 23.99 -36.38 10.93
CA VAL C 72 23.27 -35.37 11.70
C VAL C 72 23.82 -35.21 13.12
N ALA C 73 23.54 -34.06 13.72
CA ALA C 73 23.79 -33.82 15.12
C ALA C 73 22.50 -34.03 15.91
N ASN C 74 22.60 -34.64 17.09
CA ASN C 74 21.45 -34.74 17.97
C ASN C 74 21.10 -33.36 18.52
N VAL C 75 19.82 -33.13 18.79
CA VAL C 75 19.38 -31.92 19.48
C VAL C 75 18.52 -32.31 20.68
N SER C 76 19.04 -32.06 21.87
CA SER C 76 18.33 -32.32 23.12
C SER C 76 17.66 -31.04 23.60
N GLY C 77 16.50 -31.19 24.24
CA GLY C 77 15.84 -30.09 24.92
C GLY C 77 14.68 -29.44 24.19
N VAL C 78 14.30 -29.97 23.02
CA VAL C 78 13.25 -29.35 22.21
C VAL C 78 11.97 -30.19 22.07
N LEU C 79 12.02 -31.45 22.49
CA LEU C 79 10.86 -32.34 22.31
C LEU C 79 9.60 -31.90 23.06
N SER C 80 9.74 -31.52 24.32
CA SER C 80 8.55 -31.15 25.08
C SER C 80 7.86 -29.94 24.45
N THR C 81 8.65 -28.97 23.99
CA THR C 81 8.08 -27.78 23.39
C THR C 81 7.48 -28.08 22.02
N TYR C 82 8.12 -28.98 21.27
CA TYR C 82 7.53 -29.44 20.02
C TYR C 82 6.13 -29.98 20.27
N PHE C 83 5.98 -30.85 21.28
CA PHE C 83 4.67 -31.41 21.48
C PHE C 83 3.66 -30.42 22.06
N LYS C 84 4.12 -29.46 22.84
CA LYS C 84 3.21 -28.39 23.27
C LYS C 84 2.69 -27.60 22.07
N ILE C 85 3.57 -27.24 21.16
CA ILE C 85 3.14 -26.44 20.01
C ILE C 85 2.33 -27.29 19.03
N TYR C 86 2.68 -28.58 18.89
CA TYR C 86 1.87 -29.49 18.09
C TYR C 86 0.42 -29.45 18.56
N ASN C 87 0.23 -29.48 19.86
CA ASN C 87 -1.12 -29.44 20.43
C ASN C 87 -1.83 -28.11 20.19
N VAL C 88 -1.10 -27.00 20.32
CA VAL C 88 -1.67 -25.68 20.08
C VAL C 88 -2.15 -25.51 18.65
N PHE C 89 -1.34 -25.96 17.70
CA PHE C 89 -1.72 -25.82 16.30
C PHE C 89 -2.96 -26.64 16.01
N TYR C 90 -3.00 -27.86 16.52
CA TYR C 90 -4.17 -28.71 16.37
C TYR C 90 -5.41 -28.08 16.98
N LYS C 91 -5.26 -27.37 18.09
CA LYS C 91 -6.39 -26.71 18.71
C LYS C 91 -6.89 -25.56 17.85
N ASN C 92 -5.96 -24.83 17.22
CA ASN C 92 -6.30 -23.68 16.37
C ASN C 92 -6.66 -24.03 14.93
N GLN C 93 -6.92 -25.31 14.66
CA GLN C 93 -7.36 -25.77 13.35
C GLN C 93 -6.31 -25.59 12.26
N ILE C 94 -5.05 -25.89 12.60
CA ILE C 94 -3.90 -25.75 11.70
C ILE C 94 -3.12 -27.07 11.56
N THR C 95 -2.92 -27.50 10.31
CA THR C 95 -2.23 -28.75 10.01
C THR C 95 -0.72 -28.62 10.23
N PHE C 96 -0.20 -29.44 11.13
CA PHE C 96 1.18 -29.35 11.61
C PHE C 96 1.69 -30.75 11.95
N GLY C 97 2.83 -31.12 11.41
CA GLY C 97 3.49 -32.36 11.80
C GLY C 97 2.75 -33.63 11.43
N GLN C 98 1.89 -33.58 10.41
CA GLN C 98 1.04 -34.73 10.09
C GLN C 98 1.69 -35.76 9.17
N SER C 99 2.77 -35.39 8.51
CA SER C 99 3.52 -36.32 7.64
C SER C 99 4.97 -36.49 8.04
N ARG C 100 5.36 -35.90 9.16
CA ARG C 100 6.75 -35.96 9.61
C ARG C 100 6.83 -36.82 10.86
N MET C 101 7.84 -37.70 10.92
CA MET C 101 8.22 -38.31 12.20
C MET C 101 9.28 -37.41 12.77
N PHE C 102 8.93 -36.64 13.79
CA PHE C 102 9.85 -35.69 14.36
C PHE C 102 10.93 -36.40 15.16
N ILE C 103 12.16 -36.25 14.69
CA ILE C 103 13.35 -36.62 15.41
C ILE C 103 14.17 -35.34 15.44
N PRO C 104 14.48 -34.81 16.63
CA PRO C 104 15.22 -33.56 16.71
C PRO C 104 16.67 -33.69 16.24
N HIS C 105 16.96 -33.17 15.03
CA HIS C 105 18.28 -33.29 14.45
C HIS C 105 18.66 -32.10 13.60
N ILE C 106 19.96 -31.89 13.44
CA ILE C 106 20.52 -30.92 12.51
C ILE C 106 21.35 -31.69 11.50
N THR C 107 20.94 -31.71 10.25
CA THR C 107 21.73 -32.37 9.24
C THR C 107 23.04 -31.61 9.03
N LEU C 108 24.14 -32.35 9.02
CA LEU C 108 25.47 -31.78 8.94
C LEU C 108 26.15 -32.06 7.61
N SER C 109 25.89 -33.23 7.03
CA SER C 109 26.53 -33.61 5.78
C SER C 109 25.76 -34.72 5.09
N PHE C 110 25.80 -34.73 3.77
CA PHE C 110 25.21 -35.80 3.00
C PHE C 110 26.29 -36.81 2.67
N ASN C 111 26.70 -37.55 3.70
CA ASN C 111 27.82 -38.47 3.61
C ASN C 111 27.73 -39.48 4.74
N ASN C 112 28.39 -40.62 4.57
CA ASN C 112 28.48 -41.65 5.60
C ASN C 112 29.69 -41.37 6.47
N MET C 113 29.44 -40.98 7.71
CA MET C 113 30.48 -40.55 8.62
C MET C 113 30.29 -41.13 10.01
N ARG C 114 31.38 -41.37 10.71
CA ARG C 114 31.29 -41.95 12.04
C ARG C 114 30.75 -40.95 13.06
N THR C 115 30.10 -41.49 14.07
CA THR C 115 29.69 -40.72 15.23
C THR C 115 30.88 -40.02 15.87
N VAL C 116 30.68 -38.75 16.18
CA VAL C 116 31.61 -37.98 17.00
C VAL C 116 30.87 -37.68 18.30
N ARG C 117 31.55 -37.87 19.44
CA ARG C 117 31.00 -37.47 20.72
C ARG C 117 31.80 -36.32 21.28
N ILE C 118 31.10 -35.31 21.78
CA ILE C 118 31.71 -34.17 22.46
C ILE C 118 31.12 -34.01 23.86
N GLU C 119 31.76 -33.21 24.70
CA GLU C 119 31.15 -32.82 25.96
C GLU C 119 29.84 -32.14 25.64
N THR C 120 28.80 -32.42 26.40
CA THR C 120 27.49 -31.80 26.17
C THR C 120 27.63 -30.29 26.10
N THR C 121 27.12 -29.74 25.01
CA THR C 121 27.32 -28.34 24.66
C THR C 121 25.99 -27.64 24.39
N LYS C 122 25.85 -26.47 24.99
CA LYS C 122 24.67 -25.66 24.82
C LYS C 122 24.68 -24.99 23.44
N LEU C 123 23.60 -25.13 22.70
CA LEU C 123 23.42 -24.43 21.45
C LEU C 123 22.71 -23.12 21.71
N GLN C 124 23.15 -22.07 21.03
CA GLN C 124 22.56 -20.75 21.18
C GLN C 124 21.71 -20.43 19.95
N ILE C 125 20.43 -20.15 20.16
CA ILE C 125 19.54 -19.82 19.05
C ILE C 125 19.95 -18.48 18.44
N LYS C 126 20.15 -18.47 17.13
CA LYS C 126 20.37 -17.24 16.38
C LYS C 126 19.02 -16.60 16.02
N SER C 127 18.15 -17.37 15.38
CA SER C 127 16.77 -16.96 15.17
C SER C 127 15.84 -18.15 14.94
N ILE C 128 14.55 -17.87 15.03
CA ILE C 128 13.49 -18.84 14.76
C ILE C 128 12.62 -18.22 13.69
N TYR C 129 12.29 -18.97 12.65
CA TYR C 129 11.62 -18.39 11.49
C TYR C 129 10.56 -19.31 10.92
N LEU C 130 9.60 -18.70 10.23
CA LEU C 130 8.59 -19.38 9.46
C LEU C 130 8.90 -19.12 7.99
N ARG C 131 9.04 -20.17 7.22
CA ARG C 131 9.42 -20.05 5.83
C ARG C 131 8.54 -20.91 4.92
N LYS C 132 8.17 -20.37 3.77
CA LYS C 132 7.48 -21.14 2.76
C LYS C 132 8.49 -22.05 2.09
N ILE C 133 8.14 -23.32 1.94
CA ILE C 133 9.01 -24.27 1.27
C ILE C 133 9.18 -23.84 -0.18
N LYS C 134 10.44 -23.69 -0.59
CA LYS C 134 10.86 -23.17 -1.90
C LYS C 134 10.61 -21.67 -2.04
N GLY C 135 10.19 -21.02 -0.96
CA GLY C 135 9.84 -19.62 -0.99
C GLY C 135 10.52 -18.76 0.05
N ASP C 136 9.84 -17.67 0.43
CA ASP C 136 10.40 -16.68 1.32
C ASP C 136 10.26 -17.06 2.78
N THR C 137 11.21 -16.58 3.57
CA THR C 137 11.02 -16.45 5.00
C THR C 137 10.01 -15.33 5.22
N VAL C 138 8.90 -15.65 5.85
CA VAL C 138 7.80 -14.69 6.05
C VAL C 138 7.74 -14.13 7.47
N PHE C 139 8.48 -14.72 8.40
CA PHE C 139 8.57 -14.20 9.75
C PHE C 139 9.85 -14.71 10.38
N ASP C 140 10.54 -13.83 11.10
CA ASP C 140 11.77 -14.21 11.80
C ASP C 140 11.76 -13.51 13.14
N MET C 141 12.13 -14.23 14.19
CA MET C 141 12.26 -13.62 15.50
C MET C 141 13.56 -13.99 16.18
N VAL C 142 14.08 -13.01 16.92
CA VAL C 142 15.32 -13.15 17.65
C VAL C 142 15.03 -12.84 19.11
N GLU C 143 15.94 -13.20 19.98
CA GLU C 143 15.73 -13.05 21.39
C GLU C 143 15.78 -11.57 21.78
N ALA D 3 -34.73 18.78 -38.77
CA ALA D 3 -34.35 19.75 -37.75
C ALA D 3 -33.78 19.05 -36.52
N ASP D 4 -32.47 19.24 -36.32
CA ASP D 4 -31.69 18.50 -35.33
C ASP D 4 -31.32 19.40 -34.16
N PRO D 5 -30.64 18.84 -33.13
CA PRO D 5 -30.15 19.74 -32.08
C PRO D 5 -29.30 20.85 -32.70
N ASN D 6 -29.38 22.07 -32.21
CA ASN D 6 -28.67 23.18 -32.86
C ASN D 6 -27.97 24.16 -31.93
N TYR D 7 -28.18 24.01 -30.62
CA TYR D 7 -27.51 24.84 -29.64
C TYR D 7 -26.98 23.97 -28.52
N PHE D 8 -26.02 24.51 -27.79
CA PHE D 8 -25.64 23.87 -26.55
C PHE D 8 -25.17 24.86 -25.51
N ILE D 9 -25.23 24.40 -24.28
CA ILE D 9 -24.73 25.12 -23.13
C ILE D 9 -23.37 24.52 -22.80
N GLY D 10 -22.35 25.35 -22.80
CA GLY D 10 -20.98 24.92 -22.55
C GLY D 10 -20.39 25.52 -21.30
N ILE D 11 -19.43 24.82 -20.71
CA ILE D 11 -18.68 25.34 -19.59
C ILE D 11 -17.19 25.21 -19.89
N GLN D 12 -16.45 26.30 -19.70
CA GLN D 12 -15.00 26.28 -19.80
C GLN D 12 -14.36 26.50 -18.44
N PHE D 13 -13.12 26.05 -18.29
CA PHE D 13 -12.45 26.01 -16.98
C PHE D 13 -11.09 26.70 -17.04
N ARG D 14 -10.54 27.03 -15.88
CA ARG D 14 -9.26 27.73 -15.78
CA ARG D 14 -9.26 27.72 -15.82
C ARG D 14 -8.09 26.75 -15.79
N ASN D 15 -8.35 25.51 -15.39
CA ASN D 15 -7.32 24.49 -15.30
C ASN D 15 -7.84 23.14 -15.75
N ILE D 16 -6.99 22.38 -16.43
CA ILE D 16 -7.28 20.99 -16.75
C ILE D 16 -6.06 20.17 -16.28
N PRO D 17 -6.24 19.34 -15.24
CA PRO D 17 -5.09 18.66 -14.62
C PRO D 17 -4.58 17.44 -15.37
N TYR D 18 -4.61 17.48 -16.70
CA TYR D 18 -4.14 16.38 -17.53
C TYR D 18 -3.40 16.91 -18.74
N LYS D 19 -2.59 16.05 -19.33
CA LYS D 19 -2.08 16.31 -20.67
C LYS D 19 -3.25 16.17 -21.64
N TYR D 20 -3.34 17.10 -22.58
CA TYR D 20 -4.40 17.08 -23.59
C TYR D 20 -3.96 17.76 -24.89
N ASP D 21 -4.65 17.41 -25.97
CA ASP D 21 -4.31 17.84 -27.33
C ASP D 21 -5.28 18.89 -27.85
N VAL D 22 -6.53 18.79 -27.41
CA VAL D 22 -7.55 19.76 -27.78
C VAL D 22 -7.15 21.12 -27.23
N LYS D 23 -7.14 22.14 -28.08
CA LYS D 23 -6.62 23.44 -27.71
C LYS D 23 -7.36 24.04 -26.51
N ILE D 24 -8.69 24.08 -26.60
CA ILE D 24 -9.54 24.62 -25.54
C ILE D 24 -10.60 23.60 -25.15
N PRO D 25 -10.31 22.77 -24.14
CA PRO D 25 -11.31 21.81 -23.70
C PRO D 25 -12.55 22.47 -23.09
N HIS D 26 -13.69 21.81 -23.17
CA HIS D 26 -14.92 22.31 -22.53
C HIS D 26 -15.83 21.14 -22.17
N LEU D 27 -16.79 21.42 -21.30
CA LEU D 27 -17.87 20.50 -21.00
C LEU D 27 -19.14 20.94 -21.73
N THR D 28 -19.69 20.05 -22.53
CA THR D 28 -21.02 20.25 -23.06
C THR D 28 -22.00 19.86 -21.97
N PHE D 29 -22.61 20.88 -21.36
CA PHE D 29 -23.47 20.66 -20.21
C PHE D 29 -24.89 20.33 -20.65
N GLY D 30 -25.34 20.94 -21.75
CA GLY D 30 -26.68 20.68 -22.27
C GLY D 30 -26.76 20.91 -23.75
N VAL D 31 -27.72 20.25 -24.39
CA VAL D 31 -27.98 20.39 -25.81
C VAL D 31 -29.45 20.75 -26.01
N LEU D 32 -29.69 21.71 -26.90
CA LEU D 32 -31.04 22.24 -27.13
C LEU D 32 -31.40 22.17 -28.61
N HIS D 33 -32.69 22.02 -28.87
CA HIS D 33 -33.23 22.26 -30.20
C HIS D 33 -34.27 23.36 -30.12
N ILE D 34 -33.90 24.54 -30.62
CA ILE D 34 -34.75 25.73 -30.51
C ILE D 34 -34.67 26.54 -31.79
N SER D 35 -35.69 27.35 -32.04
CA SER D 35 -35.62 28.36 -33.08
C SER D 35 -34.81 29.52 -32.51
N ASP D 36 -34.13 30.27 -33.36
CA ASP D 36 -33.24 31.33 -32.91
C ASP D 36 -33.95 32.38 -32.05
N ASN D 37 -35.27 32.50 -32.22
CA ASN D 37 -36.06 33.48 -31.46
C ASN D 37 -36.43 33.01 -30.06
N MET D 38 -36.27 31.72 -29.78
CA MET D 38 -36.54 31.16 -28.46
C MET D 38 -35.39 31.44 -27.49
N VAL D 39 -34.31 32.00 -28.01
CA VAL D 39 -33.08 32.20 -27.24
C VAL D 39 -33.28 32.97 -25.93
N PRO D 40 -34.02 34.09 -25.97
CA PRO D 40 -34.19 34.86 -24.73
C PRO D 40 -34.86 34.06 -23.62
N ASP D 41 -35.76 33.16 -23.98
CA ASP D 41 -36.45 32.32 -23.01
C ASP D 41 -35.47 31.34 -22.36
N VAL D 42 -34.50 30.88 -23.13
CA VAL D 42 -33.46 30.00 -22.61
C VAL D 42 -32.55 30.76 -21.66
N ILE D 43 -32.15 31.96 -22.06
CA ILE D 43 -31.29 32.80 -21.23
C ILE D 43 -31.99 33.14 -19.91
N ASP D 44 -33.30 33.38 -19.96
CA ASP D 44 -34.07 33.65 -18.74
C ASP D 44 -33.98 32.47 -17.78
N ILE D 45 -34.09 31.27 -18.33
CA ILE D 45 -34.01 30.06 -17.52
C ILE D 45 -32.59 29.89 -16.96
N LEU D 46 -31.58 30.26 -17.75
CA LEU D 46 -30.19 30.18 -17.29
C LEU D 46 -29.91 31.14 -16.14
N LYS D 47 -30.48 32.34 -16.19
CA LYS D 47 -30.19 33.34 -15.16
C LYS D 47 -30.78 32.93 -13.81
N ILE D 48 -31.95 32.28 -13.84
CA ILE D 48 -32.56 31.80 -12.62
C ILE D 48 -31.77 30.63 -12.04
N MET D 49 -31.16 29.83 -12.90
CA MET D 49 -30.36 28.70 -12.47
C MET D 49 -28.91 29.10 -12.24
N LYS D 50 -28.57 30.34 -12.56
CA LYS D 50 -27.18 30.78 -12.58
C LYS D 50 -26.45 30.56 -11.25
N ASN D 51 -27.12 30.89 -10.15
CA ASN D 51 -26.50 30.73 -8.84
C ASN D 51 -26.16 29.26 -8.59
N GLU D 52 -27.13 28.40 -8.87
CA GLU D 52 -26.97 26.95 -8.70
C GLU D 52 -25.82 26.42 -9.57
N LEU D 53 -25.72 26.93 -10.79
CA LEU D 53 -24.70 26.50 -11.74
C LEU D 53 -23.28 26.81 -11.27
N PHE D 54 -23.02 28.05 -10.88
CA PHE D 54 -21.67 28.43 -10.49
C PHE D 54 -21.28 27.86 -9.14
N LYS D 55 -22.26 27.33 -8.40
CA LYS D 55 -22.00 26.72 -7.11
C LYS D 55 -21.75 25.21 -7.22
N MET D 56 -21.90 24.68 -8.42
CA MET D 56 -21.64 23.25 -8.65
C MET D 56 -20.21 22.92 -8.25
N ASP D 57 -20.03 21.82 -7.52
CA ASP D 57 -18.70 21.41 -7.07
C ASP D 57 -18.09 20.47 -8.10
N ILE D 58 -17.49 21.06 -9.13
CA ILE D 58 -17.02 20.29 -10.29
C ILE D 58 -15.61 19.76 -10.07
N THR D 59 -15.47 18.43 -10.13
CA THR D 59 -14.16 17.80 -9.96
C THR D 59 -13.88 16.79 -11.04
N THR D 60 -12.62 16.36 -11.13
CA THR D 60 -12.22 15.30 -12.04
C THR D 60 -11.18 14.43 -11.33
N SER D 61 -11.17 13.14 -11.66
CA SER D 61 -10.29 12.18 -11.00
C SER D 61 -9.66 11.19 -11.98
N TYR D 62 -10.25 11.03 -13.16
CA TYR D 62 -9.70 10.08 -14.12
C TYR D 62 -10.05 10.42 -15.56
N THR D 63 -9.19 9.97 -16.47
CA THR D 63 -9.49 9.98 -17.89
C THR D 63 -9.82 8.56 -18.35
N TYR D 64 -10.41 8.49 -19.54
CA TYR D 64 -10.84 7.22 -20.10
C TYR D 64 -11.21 7.37 -21.56
N MET D 65 -11.36 6.23 -22.24
CA MET D 65 -11.82 6.22 -23.61
C MET D 65 -13.34 6.06 -23.63
N LEU D 66 -14.02 7.09 -24.12
CA LEU D 66 -15.48 7.09 -24.20
C LEU D 66 -15.98 6.30 -25.40
N SER D 67 -15.25 6.40 -26.52
CA SER D 67 -15.61 5.72 -27.75
C SER D 67 -14.31 5.56 -28.53
N ASP D 68 -14.36 4.90 -29.68
CA ASP D 68 -13.18 4.77 -30.53
C ASP D 68 -12.59 6.16 -30.79
N GLY D 69 -11.32 6.35 -30.43
CA GLY D 69 -10.64 7.60 -30.71
C GLY D 69 -11.17 8.83 -30.00
N ILE D 70 -11.87 8.66 -28.89
CA ILE D 70 -12.35 9.78 -28.07
C ILE D 70 -11.89 9.62 -26.63
N TYR D 71 -10.86 10.38 -26.26
CA TYR D 71 -10.22 10.29 -24.96
C TYR D 71 -10.68 11.49 -24.15
N VAL D 72 -11.21 11.22 -22.94
CA VAL D 72 -11.90 12.24 -22.16
C VAL D 72 -11.55 12.22 -20.67
N ALA D 73 -11.83 13.33 -20.01
CA ALA D 73 -11.78 13.41 -18.56
C ALA D 73 -13.18 13.28 -18.00
N ASN D 74 -13.32 12.55 -16.90
CA ASN D 74 -14.59 12.48 -16.19
C ASN D 74 -14.90 13.83 -15.55
N VAL D 75 -16.19 14.11 -15.38
CA VAL D 75 -16.62 15.32 -14.68
C VAL D 75 -17.65 14.90 -13.63
N SER D 76 -17.34 15.19 -12.37
CA SER D 76 -18.23 14.90 -11.27
C SER D 76 -18.83 16.21 -10.76
N GLY D 77 -20.06 16.15 -10.25
CA GLY D 77 -20.67 17.30 -9.58
C GLY D 77 -21.66 18.11 -10.40
N VAL D 78 -21.97 17.67 -11.62
CA VAL D 78 -22.90 18.41 -12.49
C VAL D 78 -24.23 17.69 -12.77
N LEU D 79 -24.31 16.41 -12.44
CA LEU D 79 -25.51 15.63 -12.78
C LEU D 79 -26.79 16.13 -12.12
N SER D 80 -26.78 16.42 -10.82
CA SER D 80 -28.02 16.84 -10.17
C SER D 80 -28.56 18.14 -10.77
N THR D 81 -27.68 19.08 -11.09
CA THR D 81 -28.11 20.33 -11.65
C THR D 81 -28.62 20.11 -13.08
N TYR D 82 -27.98 19.20 -13.80
CA TYR D 82 -28.45 18.84 -15.12
C TYR D 82 -29.90 18.37 -15.12
N PHE D 83 -30.27 17.48 -14.19
CA PHE D 83 -31.62 16.95 -14.22
C PHE D 83 -32.67 17.95 -13.72
N LYS D 84 -32.27 18.90 -12.89
CA LYS D 84 -33.16 19.98 -12.50
C LYS D 84 -33.48 20.84 -13.71
N ILE D 85 -32.45 21.26 -14.44
CA ILE D 85 -32.66 22.16 -15.56
C ILE D 85 -33.36 21.44 -16.71
N TYR D 86 -33.14 20.13 -16.82
CA TYR D 86 -33.88 19.33 -17.78
C TYR D 86 -35.39 19.47 -17.56
N ASN D 87 -35.82 19.36 -16.30
CA ASN D 87 -37.25 19.47 -16.00
C ASN D 87 -37.80 20.87 -16.26
N VAL D 88 -36.98 21.89 -16.02
CA VAL D 88 -37.40 23.27 -16.25
C VAL D 88 -37.62 23.54 -17.74
N PHE D 89 -36.72 23.03 -18.58
CA PHE D 89 -36.88 23.21 -20.02
C PHE D 89 -38.09 22.46 -20.52
N TYR D 90 -38.28 21.23 -20.05
CA TYR D 90 -39.42 20.42 -20.46
C TYR D 90 -40.74 21.10 -20.08
N LYS D 91 -40.81 21.58 -18.84
CA LYS D 91 -41.91 22.41 -18.35
C LYS D 91 -42.32 23.41 -19.39
N ASN D 92 -41.31 24.10 -19.91
CA ASN D 92 -41.50 25.28 -20.74
C ASN D 92 -41.55 24.99 -22.22
N GLN D 93 -41.72 23.72 -22.57
CA GLN D 93 -41.84 23.29 -23.96
C GLN D 93 -40.61 23.72 -24.76
N ILE D 94 -39.45 23.61 -24.13
CA ILE D 94 -38.16 23.86 -24.77
C ILE D 94 -37.45 22.52 -24.89
N THR D 95 -37.16 22.11 -26.12
CA THR D 95 -36.54 20.81 -26.37
C THR D 95 -35.09 20.80 -25.91
N PHE D 96 -34.80 19.94 -24.93
CA PHE D 96 -33.49 19.91 -24.25
C PHE D 96 -33.14 18.47 -23.90
N GLY D 97 -31.94 18.03 -24.27
CA GLY D 97 -31.46 16.72 -23.89
C GLY D 97 -32.28 15.56 -24.42
N GLN D 98 -33.02 15.80 -25.49
CA GLN D 98 -33.87 14.77 -26.06
C GLN D 98 -33.15 13.81 -26.99
N SER D 99 -31.94 14.15 -27.41
CA SER D 99 -31.14 13.31 -28.29
C SER D 99 -29.76 13.00 -27.72
N ARG D 100 -29.37 13.70 -26.67
CA ARG D 100 -28.07 13.51 -26.04
C ARG D 100 -28.21 12.58 -24.84
N MET D 101 -27.38 11.55 -24.77
CA MET D 101 -27.31 10.71 -23.60
C MET D 101 -26.16 11.26 -22.78
N PHE D 102 -26.49 11.93 -21.68
CA PHE D 102 -25.55 12.76 -20.95
C PHE D 102 -24.62 11.94 -20.07
N ILE D 103 -23.35 11.92 -20.45
CA ILE D 103 -22.26 11.40 -19.65
C ILE D 103 -21.33 12.59 -19.53
N PRO D 104 -21.26 13.20 -18.34
CA PRO D 104 -20.45 14.43 -18.20
C PRO D 104 -18.97 14.16 -18.45
N HIS D 105 -18.44 14.74 -19.52
CA HIS D 105 -17.05 14.52 -19.87
C HIS D 105 -16.46 15.72 -20.58
N ILE D 106 -15.14 15.80 -20.56
CA ILE D 106 -14.41 16.83 -21.29
C ILE D 106 -13.46 16.11 -22.24
N THR D 107 -13.67 16.28 -23.54
CA THR D 107 -12.80 15.63 -24.51
C THR D 107 -11.40 16.26 -24.51
N LEU D 108 -10.39 15.41 -24.40
CA LEU D 108 -8.99 15.86 -24.29
C LEU D 108 -8.20 15.60 -25.54
N SER D 109 -8.50 14.50 -26.24
CA SER D 109 -7.75 14.13 -27.42
C SER D 109 -8.54 13.18 -28.29
N PHE D 110 -8.30 13.26 -29.59
CA PHE D 110 -8.94 12.36 -30.53
C PHE D 110 -7.97 11.24 -30.89
N ASN D 111 -7.61 10.47 -29.87
CA ASN D 111 -6.67 9.38 -30.00
C ASN D 111 -6.94 8.32 -28.94
N ASN D 112 -6.46 7.10 -29.18
CA ASN D 112 -6.55 6.00 -28.23
C ASN D 112 -5.43 6.07 -27.21
N MET D 113 -5.79 6.41 -25.97
CA MET D 113 -4.82 6.64 -24.91
C MET D 113 -5.28 6.00 -23.62
N ARG D 114 -4.34 5.64 -22.77
CA ARG D 114 -4.68 4.95 -21.54
C ARG D 114 -5.20 5.90 -20.46
N THR D 115 -6.01 5.34 -19.58
CA THR D 115 -6.50 6.03 -18.42
C THR D 115 -5.39 6.56 -17.53
N VAL D 116 -5.56 7.81 -17.10
CA VAL D 116 -4.73 8.42 -16.07
C VAL D 116 -5.62 8.65 -14.85
N ARG D 117 -5.12 8.31 -13.67
CA ARG D 117 -5.84 8.57 -12.42
C ARG D 117 -5.06 9.59 -11.62
N ILE D 118 -5.78 10.58 -11.09
CA ILE D 118 -5.19 11.58 -10.21
C ILE D 118 -6.00 11.69 -8.93
N GLU D 119 -5.41 12.31 -7.91
CA GLU D 119 -6.19 12.67 -6.73
C GLU D 119 -7.26 13.63 -7.20
N THR D 120 -8.47 13.53 -6.64
CA THR D 120 -9.60 14.34 -7.09
C THR D 120 -9.28 15.83 -7.00
N THR D 121 -9.47 16.55 -8.11
CA THR D 121 -9.22 18.00 -8.09
C THR D 121 -10.38 18.80 -8.68
N LYS D 122 -10.65 19.93 -8.05
CA LYS D 122 -11.72 20.83 -8.47
C LYS D 122 -11.36 21.49 -9.80
N LEU D 123 -12.35 21.62 -10.67
CA LEU D 123 -12.20 22.38 -11.90
C LEU D 123 -12.83 23.74 -11.69
N GLN D 124 -12.01 24.77 -11.81
CA GLN D 124 -12.47 26.13 -11.57
C GLN D 124 -13.20 26.62 -12.81
N ILE D 125 -14.48 26.97 -12.67
CA ILE D 125 -15.28 27.46 -13.78
C ILE D 125 -14.77 28.81 -14.26
N LYS D 126 -14.64 28.95 -15.59
CA LYS D 126 -14.27 30.22 -16.20
C LYS D 126 -15.53 30.96 -16.66
N SER D 127 -16.31 30.33 -17.52
CA SER D 127 -17.62 30.86 -17.91
C SER D 127 -18.57 29.76 -18.36
N ILE D 128 -19.85 30.12 -18.39
CA ILE D 128 -20.92 29.27 -18.86
C ILE D 128 -21.61 30.02 -19.98
N TYR D 129 -21.79 29.36 -21.12
CA TYR D 129 -22.24 30.03 -22.33
C TYR D 129 -23.24 29.22 -23.13
N LEU D 130 -24.06 29.93 -23.89
CA LEU D 130 -24.99 29.35 -24.85
C LEU D 130 -24.47 29.65 -26.25
N ARG D 131 -24.25 28.62 -27.06
CA ARG D 131 -23.77 28.84 -28.42
C ARG D 131 -24.42 27.91 -29.44
N LYS D 132 -24.46 28.37 -30.68
CA LYS D 132 -24.89 27.52 -31.79
C LYS D 132 -23.84 26.44 -32.00
N ILE D 133 -24.29 25.22 -32.31
CA ILE D 133 -23.36 24.16 -32.65
C ILE D 133 -22.62 24.56 -33.93
N LYS D 134 -21.30 24.54 -33.85
CA LYS D 134 -20.42 25.04 -34.93
C LYS D 134 -20.83 26.43 -35.42
N GLY D 135 -21.19 27.29 -34.48
CA GLY D 135 -21.62 28.65 -34.77
C GLY D 135 -21.35 29.63 -33.64
N ASP D 136 -22.02 30.77 -33.72
CA ASP D 136 -21.80 31.89 -32.80
C ASP D 136 -22.16 31.56 -31.36
N THR D 137 -21.40 32.12 -30.43
CA THR D 137 -21.81 32.18 -29.04
C THR D 137 -22.77 33.36 -28.91
N VAL D 138 -23.91 33.14 -28.26
CA VAL D 138 -24.97 34.15 -28.21
C VAL D 138 -25.24 34.68 -26.80
N PHE D 139 -24.73 33.96 -25.81
CA PHE D 139 -24.84 34.40 -24.42
C PHE D 139 -23.70 33.79 -23.63
N ASP D 140 -23.07 34.61 -22.80
CA ASP D 140 -22.02 34.15 -21.91
C ASP D 140 -22.24 34.81 -20.57
N MET D 141 -22.18 34.03 -19.50
CA MET D 141 -22.33 34.57 -18.16
C MET D 141 -21.22 34.06 -17.24
N VAL D 142 -20.90 34.88 -16.24
CA VAL D 142 -19.83 34.61 -15.30
C VAL D 142 -20.37 34.93 -13.91
N GLU D 143 -19.65 34.50 -12.88
CA GLU D 143 -19.90 34.81 -11.46
C GLU D 143 -19.32 33.68 -10.61
OXT 15P E . 38.39 0.97 -16.50
C1 15P E . 38.33 0.23 -17.69
C2 15P E . 37.52 -1.04 -17.44
O1 15P E . 36.16 -0.74 -17.67
C3 15P E . 35.27 -1.72 -17.25
C4 15P E . 33.86 -1.21 -17.53
O2 15P E . 33.50 -0.29 -16.54
C5 15P E . 32.26 0.31 -16.76
C6 15P E . 31.97 1.36 -15.69
O3 15P E . 32.67 2.54 -15.96
C7 15P E . 32.94 3.29 -14.81
C8 15P E . 33.71 4.56 -15.20
O4 15P E . 35.08 4.29 -15.16
C9 15P E . 35.87 5.38 -15.56
C10 15P E . 37.24 4.93 -16.08
O5 15P E . 37.11 4.01 -17.14
C11 15P E . 36.74 4.60 -18.35
C12 15P E . 36.68 3.51 -19.42
O6 15P E . 35.56 2.71 -19.20
C13 15P E . 35.03 2.14 -20.37
C14 15P E . 33.57 1.78 -20.16
O7 15P E . 32.74 2.89 -20.37
C15 15P E . 32.54 3.73 -19.26
C16 15P E . 31.06 4.10 -19.23
O8 15P E . 30.30 3.00 -18.82
C17 15P E . 28.93 3.29 -18.72
C18 15P E . 28.52 3.61 -17.27
O9 15P E . 28.67 2.49 -16.44
C19 15P E . 28.10 2.66 -15.18
C20 15P E . 28.23 1.39 -14.34
O10 15P E . 27.47 0.33 -14.87
C21 15P E . 27.68 -0.90 -14.27
C22 15P E . 26.92 -1.97 -15.04
O11 15P E . 27.56 -2.16 -16.29
C23 15P E . 27.03 -3.24 -17.01
C24 15P E . 27.85 -3.42 -18.26
O12 15P E . 29.15 -3.77 -17.88
C25 15P E . 30.04 -3.85 -18.96
C26 15P E . 31.45 -4.13 -18.42
O13 15P E . 31.50 -5.42 -17.93
C27 15P E . 32.66 -5.68 -17.18
C28 15P E . 32.55 -7.06 -16.54
O14 15P E . 31.72 -7.02 -15.41
C29 15P E . 31.53 -8.28 -14.82
C30 15P E . 30.36 -8.26 -13.82
O15 15P E . 30.56 -7.35 -12.77
C31 15P E . 31.04 -7.94 -11.59
C32 15P E . 31.28 -6.87 -10.53
O16 15P E . 30.05 -6.28 -10.18
C33 15P E . 29.97 -5.74 -8.88
C34 15P E . 30.60 -4.34 -8.81
O17 15P E . 31.99 -4.43 -8.73
C35 15P E . 32.50 -4.73 -7.46
C36 15P E . 33.97 -5.16 -7.62
O18 15P E . 34.70 -4.13 -8.24
C37 15P E . 36.05 -4.43 -8.46
C38 15P E . 36.21 -5.42 -9.62
O19 15P E . 35.68 -4.87 -10.80
C39 15P E . 35.08 -5.80 -11.65
C40 15P E . 34.58 -5.11 -12.91
O20 15P E . 33.25 -4.70 -12.73
C41 15P E . 32.80 -3.76 -13.66
C42 15P E . 31.47 -3.18 -13.18
O21 15P E . 31.71 -2.02 -12.44
C43 15P E . 30.60 -1.55 -11.74
C44 15P E . 31.04 -0.38 -10.88
O22 15P E . 31.54 -0.88 -9.68
C45 15P E . 31.92 0.10 -8.75
C46 15P E . 32.86 -0.54 -7.72
O23 15P E . 34.13 -0.67 -8.29
HXT 15P E . 39.17 0.91 -16.17
H11 15P E . 39.22 -0.02 -17.96
H21 15P E . 37.91 0.76 -18.38
H12 15P E . 37.63 -1.33 -16.52
H22 15P E . 37.79 -1.73 -18.05
H13 15P E . 35.37 -1.89 -16.30
H23 15P E . 35.43 -2.54 -17.74
H14 15P E . 33.84 -0.79 -18.40
H24 15P E . 33.23 -1.96 -17.52
H15 15P E . 32.28 0.75 -17.63
H25 15P E . 31.56 -0.36 -16.76
H16 15P E . 31.02 1.55 -15.67
H26 15P E . 32.23 1.01 -14.82
H17 15P E . 33.49 2.76 -14.22
H27 15P E . 32.11 3.53 -14.37
H18 15P E . 33.46 4.83 -16.09
H28 15P E . 33.50 5.27 -14.58
H19 15P E . 35.40 5.85 -16.27
H29 15P E . 36.00 5.98 -14.81
H101 15P E . 37.75 4.53 -15.36
H102 15P E . 37.71 5.71 -16.42
H111 15P E . 35.86 5.01 -18.25
H112 15P E . 37.38 5.28 -18.60
H121 15P E . 36.63 3.92 -20.30
H122 15P E . 37.48 2.97 -19.37
H131 15P E . 35.53 1.35 -20.60
H132 15P E . 35.10 2.79 -21.08
H141 15P E . 33.44 1.46 -19.26
H142 15P E . 33.33 1.08 -20.78
H151 15P E . 33.10 4.51 -19.33
H152 15P E . 32.76 3.23 -18.45
H161 15P E . 30.79 4.38 -20.11
H162 15P E . 30.93 4.85 -18.61
H171 15P E . 28.41 2.54 -19.04
H172 15P E . 28.73 4.06 -19.28
H181 15P E . 27.59 3.88 -17.25
H182 15P E . 29.07 4.33 -16.94
H191 15P E . 27.17 2.89 -15.28
H192 15P E . 28.55 3.39 -14.73
H201 15P E . 29.16 1.13 -14.28
H202 15P E . 27.91 1.58 -13.44
H211 15P E . 28.63 -1.09 -14.27
H212 15P E . 27.34 -0.86 -13.35
H221 15P E . 26.95 -2.81 -14.54
H222 15P E . 26.01 -1.70 -15.18
H231 15P E . 27.07 -4.04 -16.46
H232 15P E . 26.10 -3.06 -17.25
H241 15P E . 27.88 -2.59 -18.76
H242 15P E . 27.48 -4.12 -18.82
H251 15P E . 30.04 -3.01 -19.45
H252 15P E . 29.77 -4.57 -19.54
H261 15P E . 31.63 -3.50 -17.70
H262 15P E . 32.10 -4.00 -19.12
H271 15P E . 33.44 -5.64 -17.75
H272 15P E . 32.73 -5.01 -16.48
H281 15P E . 33.44 -7.36 -16.28
H282 15P E . 32.18 -7.68 -17.18
H291 15P E . 31.31 -8.92 -15.53
H292 15P E . 32.33 -8.57 -14.37
H301 15P E . 30.24 -9.15 -13.45
H302 15P E . 29.55 -8.02 -14.30
H311 15P E . 31.87 -8.40 -11.78
H312 15P E . 30.38 -8.58 -11.27
H321 15P E . 31.67 -7.29 -9.75
H322 15P E . 31.88 -6.19 -10.87
H331 15P E . 30.44 -6.32 -8.26
H332 15P E . 29.05 -5.68 -8.61
H341 15P E . 30.36 -3.86 -9.63
H342 15P E . 30.26 -3.87 -8.05
H351 15P E . 32.00 -5.46 -7.08
H352 15P E . 32.44 -3.95 -6.89
H361 15P E . 34.34 -5.34 -6.74
H362 15P E . 34.01 -5.95 -8.16
H371 15P E . 36.42 -4.83 -7.66
H372 15P E . 36.53 -3.61 -8.67
H381 15P E . 37.15 -5.62 -9.76
H382 15P E . 35.73 -6.23 -9.42
H391 15P E . 34.33 -6.20 -11.19
H392 15P E . 35.72 -6.49 -11.88
H401 15P E . 35.13 -4.33 -13.10
H402 15P E . 34.63 -5.73 -13.66
H411 15P E . 32.66 -4.21 -14.51
H412 15P E . 33.44 -3.06 -13.76
H421 15P E . 31.01 -3.83 -12.62
H422 15P E . 30.91 -2.97 -13.94
H431 15P E . 29.91 -1.26 -12.37
H432 15P E . 30.24 -2.25 -11.18
H441 15P E . 30.29 0.22 -10.70
H442 15P E . 31.74 0.13 -11.33
H451 15P E . 31.14 0.44 -8.30
H452 15P E . 32.39 0.81 -9.21
H461 15P E . 32.52 -1.41 -7.48
H462 15P E . 32.91 0.02 -6.94
K K F . 33.72 -2.84 -10.37
K K G . 35.57 1.81 -16.38
#